data_7DS2
#
_entry.id   7DS2
#
_cell.length_a   52.040
_cell.length_b   61.540
_cell.length_c   161.470
_cell.angle_alpha   90.000
_cell.angle_beta   90.000
_cell.angle_gamma   90.000
#
_symmetry.space_group_name_H-M   'P 21 21 21'
#
loop_
_entity.id
_entity.type
_entity.pdbx_description
1 polymer 'F-actin-capping protein subunit alpha-1'
2 polymer 'F-actin-capping protein subunit beta isoforms 1'
3 polymer Twinfilin-1
4 water water
#
loop_
_entity_poly.entity_id
_entity_poly.type
_entity_poly.pdbx_seq_one_letter_code
_entity_poly.pdbx_strand_id
1 'polypeptide(L)'
;MADFEDRVSDEEKVRIAAKFITHAPPGEFNEVFNDVRLLLNNDNLLREGAAHAFAQYNMDQFTPVKIEGYDDQVLITEHG
DLGNGRFLDPRNKISFKFDHLRKEASDPQPEDTESALKQWRDACDSALRAYVKDHYPNGFCTVYGKSIDGQQTIIACIES
HQFQPKNFWNGRWRSEWKFTITPPTAQVAAVLKIQVHYYEDGNVQLVSHKDIQDSVQVSSDVQTAKEFIKIIENAENEYQ
TAISENYQTMSDTTFKALRRQLPVTRTKIDWNKILSYKIGKEMQNA
;
A
2 'polypeptide(L)'
;MSDQQLDCALDLMRRLPPQQIEKNLSDLIDLVPSLCEDLLSSVDQPLKIARDKVVGKDYLLCDYNRDGDSYRSPWSNKYD
PPLEDGAMPSARLRKLEVEANNAFDQYRDLYFEGGVSSVYLWDLDHGFAGVILIKKAGDGSKKIKGCWDSIHVVEVQEKS
SGRTAHYKLTSTVMLWLQTNKTGSGTMNLGGSLTRQMEKDETVSDSSPHIANIGRLVEDMENKIRSTLNEIYFGKTKDIV
NGLR
;
B
3 'polypeptide(L)' GPLGSKQHAHKQSFAKPKGPAGKRGIRRLIRGPAEAEATTD C
#
# COMPACT_ATOMS: atom_id res chain seq x y z
N ASP A 6 -20.01 21.55 -14.02
CA ASP A 6 -20.03 20.94 -12.69
C ASP A 6 -19.91 19.41 -12.76
N ARG A 7 -20.43 18.82 -13.84
CA ARG A 7 -20.41 17.37 -14.01
C ARG A 7 -19.03 16.90 -14.45
N VAL A 8 -18.63 15.74 -13.95
CA VAL A 8 -17.38 15.13 -14.39
C VAL A 8 -17.60 14.50 -15.76
N SER A 9 -16.73 14.84 -16.71
CA SER A 9 -16.86 14.29 -18.05
C SER A 9 -16.86 12.76 -18.03
N ASP A 10 -17.58 12.17 -18.98
CA ASP A 10 -17.58 10.71 -19.10
C ASP A 10 -16.17 10.17 -19.31
N GLU A 11 -15.34 10.88 -20.10
CA GLU A 11 -13.96 10.46 -20.33
CA GLU A 11 -13.98 10.40 -20.33
C GLU A 11 -13.18 10.38 -19.02
N GLU A 12 -13.39 11.35 -18.14
CA GLU A 12 -12.64 11.32 -16.89
C GLU A 12 -13.19 10.26 -15.93
N LYS A 13 -14.51 10.09 -15.87
CA LYS A 13 -15.06 9.01 -15.06
C LYS A 13 -14.47 7.66 -15.48
N VAL A 14 -14.38 7.40 -16.78
CA VAL A 14 -13.82 6.15 -17.26
C VAL A 14 -12.34 6.06 -16.91
N ARG A 15 -11.58 7.14 -17.14
CA ARG A 15 -10.14 7.10 -16.89
C ARG A 15 -9.86 6.77 -15.43
N ILE A 16 -10.62 7.39 -14.52
CA ILE A 16 -10.39 7.16 -13.10
C ILE A 16 -10.87 5.76 -12.70
N ALA A 17 -11.99 5.32 -13.24
CA ALA A 17 -12.44 3.95 -12.97
C ALA A 17 -11.39 2.95 -13.43
N ALA A 18 -10.84 3.15 -14.64
CA ALA A 18 -9.81 2.26 -15.15
C ALA A 18 -8.58 2.27 -14.25
N LYS A 19 -8.22 3.43 -13.73
CA LYS A 19 -7.08 3.52 -12.82
C LYS A 19 -7.31 2.71 -11.54
N PHE A 20 -8.49 2.84 -10.92
CA PHE A 20 -8.78 2.05 -9.72
C PHE A 20 -8.79 0.56 -10.05
N ILE A 21 -9.41 0.18 -11.16
CA ILE A 21 -9.54 -1.24 -11.53
C ILE A 21 -8.17 -1.86 -11.73
N THR A 22 -7.32 -1.18 -12.51
CA THR A 22 -6.01 -1.77 -12.77
C THR A 22 -5.12 -1.78 -11.54
N HIS A 23 -5.52 -1.14 -10.44
CA HIS A 23 -4.76 -1.19 -9.20
C HIS A 23 -5.47 -2.00 -8.10
N ALA A 24 -6.42 -2.83 -8.47
CA ALA A 24 -7.04 -3.71 -7.49
C ALA A 24 -6.06 -4.77 -7.04
N PRO A 25 -6.02 -5.09 -5.75
CA PRO A 25 -5.20 -6.20 -5.25
C PRO A 25 -5.60 -7.50 -5.92
N PRO A 26 -4.71 -8.49 -5.94
CA PRO A 26 -5.10 -9.82 -6.44
C PRO A 26 -6.24 -10.33 -5.58
N GLY A 27 -7.22 -10.95 -6.23
CA GLY A 27 -8.35 -11.51 -5.52
C GLY A 27 -9.39 -10.51 -5.05
N GLU A 28 -9.25 -9.24 -5.38
CA GLU A 28 -10.18 -8.22 -4.91
C GLU A 28 -10.79 -7.42 -6.06
N PHE A 29 -10.82 -7.99 -7.26
CA PHE A 29 -11.42 -7.30 -8.40
C PHE A 29 -12.87 -6.95 -8.12
N ASN A 30 -13.63 -7.92 -7.60
CA ASN A 30 -15.06 -7.71 -7.41
C ASN A 30 -15.35 -6.60 -6.43
N GLU A 31 -14.58 -6.52 -5.34
CA GLU A 31 -14.79 -5.44 -4.37
C GLU A 31 -14.48 -4.09 -4.99
N VAL A 32 -13.39 -3.98 -5.74
CA VAL A 32 -13.02 -2.70 -6.32
C VAL A 32 -14.00 -2.33 -7.42
N PHE A 33 -14.41 -3.31 -8.24
CA PHE A 33 -15.40 -3.04 -9.26
C PHE A 33 -16.69 -2.50 -8.63
N ASN A 34 -17.11 -3.10 -7.51
CA ASN A 34 -18.38 -2.72 -6.90
C ASN A 34 -18.32 -1.30 -6.32
N ASP A 35 -17.22 -0.96 -5.63
CA ASP A 35 -17.02 0.41 -5.18
C ASP A 35 -17.12 1.39 -6.34
N VAL A 36 -16.42 1.10 -7.44
CA VAL A 36 -16.39 2.00 -8.58
C VAL A 36 -17.78 2.15 -9.20
N ARG A 37 -18.50 1.02 -9.33
CA ARG A 37 -19.84 1.04 -9.89
C ARG A 37 -20.75 2.01 -9.13
N LEU A 38 -20.68 1.99 -7.81
CA LEU A 38 -21.54 2.85 -7.00
C LEU A 38 -21.06 4.29 -6.96
N LEU A 39 -19.79 4.53 -7.27
CA LEU A 39 -19.31 5.90 -7.34
C LEU A 39 -19.68 6.56 -8.67
N LEU A 40 -19.71 5.76 -9.75
CA LEU A 40 -20.01 6.26 -11.09
C LEU A 40 -21.51 6.46 -11.29
N ASN A 41 -22.31 5.52 -10.81
CA ASN A 41 -23.75 5.48 -11.11
C ASN A 41 -24.00 5.57 -12.61
N ASN A 42 -23.19 4.84 -13.37
CA ASN A 42 -23.40 4.79 -14.82
C ASN A 42 -22.88 3.43 -15.30
N ASP A 43 -23.73 2.42 -15.19
CA ASP A 43 -23.31 1.04 -15.42
C ASP A 43 -22.87 0.82 -16.85
N ASN A 44 -23.62 1.37 -17.82
CA ASN A 44 -23.25 1.19 -19.22
CA ASN A 44 -23.23 1.16 -19.21
C ASN A 44 -21.91 1.86 -19.51
N LEU A 45 -21.67 3.03 -18.92
CA LEU A 45 -20.39 3.72 -19.11
C LEU A 45 -19.26 2.90 -18.52
N LEU A 46 -19.43 2.40 -17.30
CA LEU A 46 -18.43 1.54 -16.66
C LEU A 46 -18.16 0.29 -17.49
N ARG A 47 -19.22 -0.38 -17.95
CA ARG A 47 -19.02 -1.68 -18.60
C ARG A 47 -18.44 -1.53 -20.00
N GLU A 48 -18.91 -0.55 -20.77
CA GLU A 48 -18.40 -0.31 -22.10
C GLU A 48 -17.13 0.52 -22.08
N GLY A 49 -17.13 1.60 -21.30
CA GLY A 49 -16.02 2.55 -21.38
C GLY A 49 -14.74 2.03 -20.77
N ALA A 50 -14.83 1.26 -19.69
CA ALA A 50 -13.66 0.73 -19.00
C ALA A 50 -13.38 -0.73 -19.36
N ALA A 51 -14.01 -1.24 -20.42
CA ALA A 51 -13.80 -2.63 -20.81
C ALA A 51 -12.31 -2.96 -20.95
N HIS A 52 -11.53 -2.04 -21.54
CA HIS A 52 -10.10 -2.25 -21.70
C HIS A 52 -9.40 -2.44 -20.36
N ALA A 53 -9.91 -1.81 -19.30
CA ALA A 53 -9.27 -1.90 -17.99
C ALA A 53 -9.48 -3.28 -17.36
N PHE A 54 -10.66 -3.87 -17.53
CA PHE A 54 -10.88 -5.21 -17.00
C PHE A 54 -9.95 -6.23 -17.68
N ALA A 55 -9.84 -6.14 -19.01
CA ALA A 55 -8.93 -7.00 -19.77
C ALA A 55 -7.48 -6.76 -19.35
N GLN A 56 -7.08 -5.50 -19.19
CA GLN A 56 -5.71 -5.22 -18.77
C GLN A 56 -5.42 -5.82 -17.40
N TYR A 57 -6.36 -5.70 -16.46
CA TYR A 57 -6.16 -6.30 -15.14
C TYR A 57 -5.97 -7.81 -15.23
N ASN A 58 -6.83 -8.51 -15.97
CA ASN A 58 -6.69 -9.96 -16.04
C ASN A 58 -5.36 -10.37 -16.69
N MET A 59 -4.96 -9.67 -17.75
CA MET A 59 -3.70 -10.01 -18.43
C MET A 59 -2.49 -9.64 -17.58
N ASP A 60 -2.55 -8.50 -16.88
CA ASP A 60 -1.47 -8.10 -15.97
CA ASP A 60 -1.45 -8.13 -15.99
C ASP A 60 -1.30 -9.11 -14.84
N GLN A 61 -2.43 -9.60 -14.30
CA GLN A 61 -2.43 -10.49 -13.16
C GLN A 61 -2.17 -11.96 -13.50
N PHE A 62 -2.10 -12.31 -14.79
CA PHE A 62 -1.97 -13.72 -15.21
C PHE A 62 -3.12 -14.54 -14.64
N THR A 63 -4.34 -14.03 -14.78
CA THR A 63 -5.53 -14.69 -14.21
C THR A 63 -5.67 -16.10 -14.75
N PRO A 64 -5.70 -17.13 -13.90
CA PRO A 64 -5.88 -18.50 -14.39
C PRO A 64 -7.36 -18.80 -14.58
N VAL A 65 -7.68 -19.58 -15.60
CA VAL A 65 -9.07 -19.94 -15.87
C VAL A 65 -9.16 -21.40 -16.26
N LYS A 66 -10.20 -22.05 -15.77
CA LYS A 66 -10.48 -23.44 -16.09
C LYS A 66 -11.33 -23.51 -17.36
N ILE A 67 -10.90 -24.32 -18.32
CA ILE A 67 -11.70 -24.59 -19.51
C ILE A 67 -12.34 -25.96 -19.33
N GLU A 68 -13.66 -25.99 -19.36
CA GLU A 68 -14.41 -27.25 -19.18
C GLU A 68 -13.88 -28.33 -20.13
N GLY A 69 -13.52 -29.47 -19.55
CA GLY A 69 -13.08 -30.61 -20.32
C GLY A 69 -11.59 -30.72 -20.54
N TYR A 70 -10.80 -29.83 -19.97
CA TYR A 70 -9.36 -29.85 -20.14
C TYR A 70 -8.68 -29.82 -18.78
N ASP A 71 -7.64 -30.63 -18.62
CA ASP A 71 -6.87 -30.64 -17.38
C ASP A 71 -6.29 -29.27 -17.10
N ASP A 72 -6.24 -28.93 -15.80
CA ASP A 72 -5.56 -27.75 -15.31
C ASP A 72 -6.21 -26.46 -15.81
N GLN A 73 -5.48 -25.36 -15.69
CA GLN A 73 -5.98 -24.05 -16.07
C GLN A 73 -4.97 -23.37 -16.98
N VAL A 74 -5.44 -22.45 -17.79
CA VAL A 74 -4.59 -21.69 -18.68
C VAL A 74 -4.55 -20.26 -18.16
N LEU A 75 -3.44 -19.57 -18.38
CA LEU A 75 -3.28 -18.20 -17.93
C LEU A 75 -3.78 -17.21 -18.98
N ILE A 76 -4.45 -16.16 -18.52
CA ILE A 76 -4.79 -15.02 -19.36
C ILE A 76 -3.61 -14.06 -19.34
N THR A 77 -2.94 -13.87 -20.49
CA THR A 77 -1.80 -12.96 -20.59
C THR A 77 -1.87 -12.21 -21.91
N GLU A 78 -1.03 -11.18 -22.04
CA GLU A 78 -0.96 -10.44 -23.30
C GLU A 78 -0.48 -11.32 -24.43
N HIS A 79 0.34 -12.33 -24.13
CA HIS A 79 0.87 -13.22 -25.17
C HIS A 79 -0.20 -14.13 -25.75
N GLY A 80 -1.28 -14.35 -25.02
CA GLY A 80 -2.37 -15.17 -25.51
C GLY A 80 -3.52 -14.40 -26.10
N ASP A 81 -3.47 -13.07 -26.10
CA ASP A 81 -4.59 -12.23 -26.54
C ASP A 81 -4.76 -12.36 -28.05
N LEU A 82 -5.84 -12.98 -28.49
CA LEU A 82 -6.11 -13.14 -29.91
C LEU A 82 -7.03 -12.06 -30.46
N GLY A 83 -7.39 -11.09 -29.63
CA GLY A 83 -8.34 -10.07 -30.04
C GLY A 83 -9.77 -10.58 -30.02
N ASN A 84 -10.70 -9.63 -30.04
CA ASN A 84 -12.13 -9.91 -30.04
C ASN A 84 -12.55 -10.76 -28.84
N GLY A 85 -11.81 -10.65 -27.74
CA GLY A 85 -12.19 -11.33 -26.52
C GLY A 85 -11.81 -12.80 -26.46
N ARG A 86 -11.05 -13.28 -27.44
CA ARG A 86 -10.59 -14.67 -27.41
C ARG A 86 -9.14 -14.72 -26.95
N PHE A 87 -8.78 -15.84 -26.32
CA PHE A 87 -7.41 -16.10 -25.90
C PHE A 87 -6.99 -17.48 -26.37
N LEU A 88 -5.66 -17.67 -26.41
CA LEU A 88 -5.06 -18.91 -26.87
C LEU A 88 -4.67 -19.79 -25.68
N ASP A 89 -5.04 -21.07 -25.75
CA ASP A 89 -4.49 -22.09 -24.87
C ASP A 89 -3.51 -22.89 -25.70
N PRO A 90 -2.21 -22.62 -25.61
CA PRO A 90 -1.27 -23.27 -26.54
C PRO A 90 -0.93 -24.71 -26.17
N ARG A 91 -1.25 -25.13 -24.95
CA ARG A 91 -1.05 -26.53 -24.60
C ARG A 91 -2.12 -27.42 -25.24
N ASN A 92 -3.38 -27.03 -25.09
CA ASN A 92 -4.48 -27.79 -25.67
C ASN A 92 -4.82 -27.39 -27.10
N LYS A 93 -4.12 -26.39 -27.65
CA LYS A 93 -4.26 -26.01 -29.06
CA LYS A 93 -4.26 -26.01 -29.06
C LYS A 93 -5.70 -25.58 -29.38
N ILE A 94 -6.23 -24.71 -28.54
CA ILE A 94 -7.57 -24.17 -28.73
C ILE A 94 -7.51 -22.67 -28.48
N SER A 95 -8.49 -21.97 -29.04
CA SER A 95 -8.84 -20.62 -28.60
C SER A 95 -10.12 -20.71 -27.78
N PHE A 96 -10.35 -19.69 -26.96
CA PHE A 96 -11.57 -19.66 -26.18
C PHE A 96 -11.98 -18.23 -25.93
N LYS A 97 -13.29 -18.03 -25.74
CA LYS A 97 -13.82 -16.74 -25.31
C LYS A 97 -13.61 -16.56 -23.81
N PHE A 98 -13.21 -15.36 -23.39
CA PHE A 98 -13.01 -15.09 -21.97
C PHE A 98 -13.82 -13.86 -21.56
N ASP A 99 -14.63 -14.03 -20.52
CA ASP A 99 -15.43 -12.96 -19.93
C ASP A 99 -14.58 -12.32 -18.84
N HIS A 100 -14.12 -11.08 -19.08
CA HIS A 100 -13.17 -10.47 -18.15
C HIS A 100 -13.83 -10.08 -16.83
N LEU A 101 -15.16 -9.97 -16.78
CA LEU A 101 -15.84 -9.63 -15.53
C LEU A 101 -16.10 -10.85 -14.68
N ARG A 102 -16.65 -11.90 -15.27
CA ARG A 102 -16.87 -13.13 -14.53
C ARG A 102 -15.64 -14.03 -14.48
N LYS A 103 -14.63 -13.72 -15.29
CA LYS A 103 -13.43 -14.56 -15.40
C LYS A 103 -13.81 -15.99 -15.76
N GLU A 104 -14.62 -16.13 -16.82
CA GLU A 104 -15.12 -17.42 -17.27
C GLU A 104 -14.78 -17.65 -18.73
N ALA A 105 -14.35 -18.87 -19.04
CA ALA A 105 -14.02 -19.29 -20.39
C ALA A 105 -15.21 -20.00 -21.02
N SER A 106 -15.39 -19.81 -22.33
CA SER A 106 -16.44 -20.50 -23.05
C SER A 106 -15.99 -20.72 -24.49
N ASP A 107 -16.81 -21.48 -25.23
CA ASP A 107 -16.68 -21.63 -26.68
C ASP A 107 -15.27 -22.03 -27.15
N PRO A 108 -14.70 -23.09 -26.59
CA PRO A 108 -13.38 -23.53 -27.09
C PRO A 108 -13.47 -23.99 -28.53
N GLN A 109 -12.46 -23.63 -29.33
CA GLN A 109 -12.42 -24.01 -30.72
C GLN A 109 -11.01 -24.43 -31.08
N PRO A 110 -10.84 -25.43 -31.95
CA PRO A 110 -9.48 -25.82 -32.34
C PRO A 110 -8.72 -24.67 -32.96
N GLU A 111 -7.42 -24.62 -32.68
CA GLU A 111 -6.52 -23.59 -33.17
C GLU A 111 -5.30 -24.29 -33.78
N ASP A 112 -5.00 -23.97 -35.04
CA ASP A 112 -3.82 -24.54 -35.68
C ASP A 112 -2.56 -23.84 -35.15
N THR A 113 -1.80 -24.53 -34.31
CA THR A 113 -0.59 -23.95 -33.74
C THR A 113 0.69 -24.61 -34.24
N GLU A 114 0.61 -25.45 -35.27
CA GLU A 114 1.80 -26.14 -35.75
C GLU A 114 2.81 -25.14 -36.31
N SER A 115 4.08 -25.37 -35.98
CA SER A 115 5.16 -24.52 -36.45
C SER A 115 6.46 -25.27 -36.26
N ALA A 116 7.55 -24.70 -36.78
CA ALA A 116 8.86 -25.29 -36.56
C ALA A 116 9.31 -25.15 -35.11
N LEU A 117 8.69 -24.25 -34.35
CA LEU A 117 9.01 -24.01 -32.94
C LEU A 117 8.17 -24.83 -31.98
N LYS A 118 7.12 -25.49 -32.47
CA LYS A 118 6.15 -26.14 -31.59
C LYS A 118 6.80 -27.22 -30.72
N GLN A 119 7.71 -28.01 -31.30
CA GLN A 119 8.37 -29.05 -30.50
C GLN A 119 9.10 -28.43 -29.31
N TRP A 120 9.70 -27.26 -29.51
CA TRP A 120 10.39 -26.57 -28.42
C TRP A 120 9.39 -26.06 -27.39
N ARG A 121 8.29 -25.44 -27.83
CA ARG A 121 7.25 -25.01 -26.91
C ARG A 121 6.71 -26.17 -26.09
N ASP A 122 6.50 -27.33 -26.74
CA ASP A 122 5.96 -28.49 -26.04
C ASP A 122 6.95 -29.05 -25.02
N ALA A 123 8.22 -29.15 -25.40
CA ALA A 123 9.24 -29.63 -24.47
C ALA A 123 9.38 -28.69 -23.28
N CYS A 124 9.39 -27.39 -23.52
CA CYS A 124 9.45 -26.43 -22.42
C CYS A 124 8.20 -26.51 -21.57
N ASP A 125 7.02 -26.61 -22.20
CA ASP A 125 5.78 -26.73 -21.45
C ASP A 125 5.78 -27.97 -20.56
N SER A 126 6.23 -29.11 -21.08
CA SER A 126 6.24 -30.33 -20.29
C SER A 126 7.16 -30.20 -19.08
N ALA A 127 8.37 -29.67 -19.29
CA ALA A 127 9.30 -29.49 -18.19
C ALA A 127 8.77 -28.46 -17.19
N LEU A 128 8.16 -27.38 -17.69
CA LEU A 128 7.67 -26.33 -16.79
C LEU A 128 6.51 -26.83 -15.93
N ARG A 129 5.59 -27.61 -16.51
CA ARG A 129 4.45 -28.12 -15.74
CA ARG A 129 4.46 -28.10 -15.72
C ARG A 129 4.92 -28.88 -14.51
N ALA A 130 5.88 -29.79 -14.70
CA ALA A 130 6.43 -30.56 -13.58
C ALA A 130 7.08 -29.63 -12.57
N TYR A 131 7.86 -28.67 -13.06
CA TYR A 131 8.51 -27.71 -12.18
C TYR A 131 7.49 -27.00 -11.29
N VAL A 132 6.41 -26.49 -11.91
CA VAL A 132 5.44 -25.71 -11.15
C VAL A 132 4.71 -26.59 -10.16
N LYS A 133 4.34 -27.82 -10.57
CA LYS A 133 3.66 -28.72 -9.64
C LYS A 133 4.55 -29.07 -8.45
N ASP A 134 5.86 -29.17 -8.67
CA ASP A 134 6.79 -29.48 -7.58
C ASP A 134 7.04 -28.31 -6.65
N HIS A 135 7.00 -27.06 -7.15
CA HIS A 135 7.50 -25.92 -6.38
C HIS A 135 6.42 -24.99 -5.86
N TYR A 136 5.18 -25.13 -6.31
CA TYR A 136 4.11 -24.24 -5.90
C TYR A 136 2.95 -25.04 -5.31
N PRO A 137 2.19 -24.46 -4.39
CA PRO A 137 1.07 -25.22 -3.79
C PRO A 137 -0.06 -25.46 -4.78
N ASN A 138 -0.50 -24.41 -5.49
CA ASN A 138 -1.47 -24.57 -6.57
C ASN A 138 -1.11 -23.59 -7.69
N GLY A 139 0.05 -23.80 -8.29
CA GLY A 139 0.49 -22.96 -9.39
C GLY A 139 0.01 -23.46 -10.75
N PHE A 140 0.02 -22.55 -11.72
CA PHE A 140 -0.34 -22.85 -13.10
C PHE A 140 0.68 -22.19 -14.02
N CYS A 141 0.81 -22.71 -15.23
CA CYS A 141 1.76 -22.12 -16.16
C CYS A 141 1.27 -22.26 -17.58
N THR A 142 1.75 -21.36 -18.43
CA THR A 142 1.42 -21.36 -19.85
C THR A 142 2.67 -20.95 -20.61
N VAL A 143 2.97 -21.69 -21.67
CA VAL A 143 4.18 -21.47 -22.46
C VAL A 143 3.78 -21.15 -23.89
N TYR A 144 4.29 -20.04 -24.41
CA TYR A 144 4.02 -19.60 -25.76
C TYR A 144 5.29 -19.72 -26.59
N GLY A 145 5.12 -19.93 -27.90
CA GLY A 145 6.24 -19.88 -28.84
C GLY A 145 5.89 -18.97 -30.00
N LYS A 146 6.71 -17.95 -30.24
CA LYS A 146 6.38 -16.91 -31.22
C LYS A 146 7.64 -16.41 -31.90
N SER A 147 7.47 -15.91 -33.12
CA SER A 147 8.51 -15.17 -33.81
C SER A 147 8.36 -13.67 -33.49
N ILE A 148 9.39 -13.11 -32.86
CA ILE A 148 9.39 -11.72 -32.41
C ILE A 148 10.56 -11.02 -33.09
N ASP A 149 10.25 -10.10 -34.00
CA ASP A 149 11.25 -9.45 -34.85
C ASP A 149 12.14 -10.49 -35.53
N GLY A 150 11.50 -11.47 -36.14
CA GLY A 150 12.21 -12.53 -36.84
C GLY A 150 12.92 -13.53 -35.98
N GLN A 151 12.84 -13.42 -34.65
CA GLN A 151 13.58 -14.30 -33.75
C GLN A 151 12.62 -15.23 -33.03
N GLN A 152 12.96 -16.53 -33.03
CA GLN A 152 12.19 -17.52 -32.27
C GLN A 152 12.26 -17.25 -30.79
N THR A 153 11.09 -17.14 -30.15
CA THR A 153 11.01 -16.79 -28.74
C THR A 153 10.10 -17.77 -27.99
N ILE A 154 10.58 -18.27 -26.86
CA ILE A 154 9.77 -19.04 -25.92
C ILE A 154 9.43 -18.13 -24.74
N ILE A 155 8.15 -18.04 -24.39
CA ILE A 155 7.68 -17.20 -23.29
C ILE A 155 6.98 -18.08 -22.26
N ALA A 156 7.56 -18.20 -21.07
CA ALA A 156 7.04 -19.05 -20.01
C ALA A 156 6.44 -18.19 -18.91
N CYS A 157 5.17 -18.44 -18.57
CA CYS A 157 4.44 -17.64 -17.60
C CYS A 157 3.98 -18.54 -16.46
N ILE A 158 4.22 -18.11 -15.22
CA ILE A 158 3.83 -18.88 -14.02
C ILE A 158 2.98 -17.99 -13.14
N GLU A 159 1.93 -18.57 -12.57
CA GLU A 159 1.08 -17.85 -11.62
C GLU A 159 0.79 -18.75 -10.42
N SER A 160 0.72 -18.14 -9.24
CA SER A 160 0.31 -18.88 -8.05
C SER A 160 -0.27 -17.90 -7.05
N HIS A 161 -1.48 -18.18 -6.57
CA HIS A 161 -2.13 -17.25 -5.65
C HIS A 161 -2.78 -18.00 -4.50
N GLN A 162 -3.04 -17.25 -3.42
CA GLN A 162 -3.79 -17.73 -2.27
C GLN A 162 -4.72 -16.60 -1.86
N PHE A 163 -6.01 -16.83 -1.94
CA PHE A 163 -7.02 -15.83 -1.60
C PHE A 163 -7.72 -16.26 -0.31
N GLN A 164 -7.67 -15.42 0.72
CA GLN A 164 -8.25 -15.73 2.02
CA GLN A 164 -8.25 -15.74 2.03
C GLN A 164 -9.05 -14.54 2.53
N PRO A 165 -10.09 -14.12 1.78
CA PRO A 165 -10.82 -12.91 2.18
C PRO A 165 -11.44 -13.00 3.56
N LYS A 166 -11.76 -14.21 4.03
CA LYS A 166 -12.35 -14.37 5.36
C LYS A 166 -11.37 -14.00 6.45
N ASN A 167 -10.08 -14.14 6.18
CA ASN A 167 -9.03 -13.70 7.08
C ASN A 167 -8.39 -12.40 6.60
N PHE A 168 -9.00 -11.75 5.60
CA PHE A 168 -8.61 -10.43 5.13
C PHE A 168 -7.19 -10.41 4.58
N TRP A 169 -6.84 -11.40 3.76
CA TRP A 169 -5.60 -11.25 3.01
C TRP A 169 -5.65 -12.05 1.72
N ASN A 170 -4.83 -11.62 0.78
CA ASN A 170 -4.69 -12.23 -0.54
C ASN A 170 -3.25 -12.03 -1.02
N GLY A 171 -2.75 -12.98 -1.80
CA GLY A 171 -1.40 -12.85 -2.34
C GLY A 171 -1.28 -13.55 -3.68
N ARG A 172 -0.32 -13.11 -4.49
CA ARG A 172 -0.08 -13.70 -5.80
C ARG A 172 1.39 -13.59 -6.19
N TRP A 173 1.91 -14.69 -6.75
CA TRP A 173 3.22 -14.72 -7.39
C TRP A 173 3.01 -14.81 -8.89
N ARG A 174 3.77 -14.02 -9.64
CA ARG A 174 3.79 -14.12 -11.10
C ARG A 174 5.24 -14.09 -11.58
N SER A 175 5.58 -14.94 -12.56
CA SER A 175 6.87 -14.76 -13.20
C SER A 175 6.73 -14.97 -14.70
N GLU A 176 7.53 -14.23 -15.45
CA GLU A 176 7.50 -14.25 -16.90
C GLU A 176 8.93 -14.35 -17.41
N TRP A 177 9.21 -15.40 -18.19
CA TRP A 177 10.54 -15.76 -18.67
C TRP A 177 10.55 -15.77 -20.19
N LYS A 178 11.37 -14.91 -20.80
CA LYS A 178 11.45 -14.84 -22.26
C LYS A 178 12.82 -15.35 -22.71
N PHE A 179 12.81 -16.39 -23.54
CA PHE A 179 14.01 -17.00 -24.10
C PHE A 179 14.06 -16.69 -25.59
N THR A 180 14.98 -15.82 -25.99
CA THR A 180 15.19 -15.49 -27.39
C THR A 180 16.29 -16.42 -27.92
N ILE A 181 15.92 -17.29 -28.86
CA ILE A 181 16.76 -18.42 -29.27
C ILE A 181 17.55 -18.02 -30.51
N THR A 182 18.86 -17.84 -30.35
CA THR A 182 19.77 -17.48 -31.44
C THR A 182 20.88 -18.53 -31.47
N PRO A 183 20.61 -19.69 -32.08
CA PRO A 183 21.51 -20.85 -31.92
C PRO A 183 22.93 -20.49 -32.32
N PRO A 184 23.93 -20.97 -31.56
CA PRO A 184 23.77 -21.98 -30.51
C PRO A 184 23.43 -21.47 -29.10
N THR A 185 22.96 -20.23 -28.97
CA THR A 185 22.68 -19.64 -27.66
C THR A 185 21.22 -19.26 -27.55
N ALA A 186 20.83 -18.89 -26.33
CA ALA A 186 19.54 -18.29 -26.06
C ALA A 186 19.73 -17.23 -24.98
N GLN A 187 19.14 -16.05 -25.21
CA GLN A 187 19.22 -14.96 -24.26
C GLN A 187 17.97 -14.97 -23.40
N VAL A 188 18.15 -14.78 -22.09
CA VAL A 188 17.06 -14.92 -21.12
C VAL A 188 16.77 -13.57 -20.49
N ALA A 189 15.50 -13.15 -20.54
CA ALA A 189 15.02 -11.97 -19.85
C ALA A 189 13.76 -12.36 -19.07
N ALA A 190 13.73 -12.02 -17.79
CA ALA A 190 12.60 -12.39 -16.93
C ALA A 190 12.27 -11.27 -15.95
N VAL A 191 11.02 -11.27 -15.49
CA VAL A 191 10.59 -10.48 -14.34
C VAL A 191 9.80 -11.38 -13.40
N LEU A 192 10.14 -11.32 -12.11
CA LEU A 192 9.42 -12.04 -11.07
C LEU A 192 8.68 -11.00 -10.23
N LYS A 193 7.45 -11.30 -9.81
CA LYS A 193 6.62 -10.32 -9.12
C LYS A 193 5.86 -10.97 -7.97
N ILE A 194 5.74 -10.23 -6.85
CA ILE A 194 4.97 -10.67 -5.69
C ILE A 194 4.11 -9.51 -5.24
N GLN A 195 2.86 -9.80 -4.90
CA GLN A 195 1.96 -8.80 -4.35
C GLN A 195 1.18 -9.46 -3.23
N VAL A 196 1.14 -8.81 -2.07
CA VAL A 196 0.40 -9.32 -0.92
C VAL A 196 -0.37 -8.15 -0.31
N HIS A 197 -1.64 -8.38 0.02
CA HIS A 197 -2.49 -7.40 0.68
C HIS A 197 -3.03 -8.00 1.96
N TYR A 198 -2.74 -7.37 3.10
CA TYR A 198 -3.29 -7.75 4.38
C TYR A 198 -4.12 -6.60 4.92
N TYR A 199 -5.39 -6.85 5.25
CA TYR A 199 -6.23 -5.73 5.62
C TYR A 199 -7.16 -6.07 6.77
N GLU A 200 -6.69 -6.93 7.69
N GLU A 200 -6.70 -6.91 7.70
CA GLU A 200 -7.45 -7.22 8.90
CA GLU A 200 -7.49 -7.19 8.90
C GLU A 200 -7.55 -5.99 9.79
C GLU A 200 -7.57 -5.97 9.80
N ASP A 201 -6.42 -5.31 10.02
CA ASP A 201 -6.38 -4.10 10.84
C ASP A 201 -6.54 -2.86 9.96
N GLY A 202 -5.45 -2.40 9.36
CA GLY A 202 -5.52 -1.30 8.40
C GLY A 202 -5.48 -1.76 6.96
N ASN A 203 -4.49 -1.25 6.21
CA ASN A 203 -4.26 -1.60 4.82
C ASN A 203 -2.75 -1.69 4.66
N VAL A 204 -2.22 -2.91 4.52
CA VAL A 204 -0.79 -3.13 4.32
C VAL A 204 -0.60 -3.90 3.02
N GLN A 205 0.35 -3.45 2.20
CA GLN A 205 0.63 -4.16 0.96
C GLN A 205 2.13 -4.30 0.74
N LEU A 206 2.53 -5.51 0.35
CA LEU A 206 3.87 -5.75 -0.19
C LEU A 206 3.78 -5.80 -1.71
N VAL A 207 4.68 -5.08 -2.37
CA VAL A 207 4.86 -5.18 -3.81
C VAL A 207 6.35 -5.37 -4.04
N SER A 208 6.71 -6.42 -4.79
CA SER A 208 8.11 -6.70 -5.04
C SER A 208 8.27 -7.21 -6.47
N HIS A 209 9.42 -6.93 -7.06
CA HIS A 209 9.73 -7.50 -8.35
C HIS A 209 11.24 -7.60 -8.50
N LYS A 210 11.66 -8.48 -9.39
CA LYS A 210 13.09 -8.66 -9.66
C LYS A 210 13.26 -8.94 -11.14
N ASP A 211 14.24 -8.27 -11.76
CA ASP A 211 14.59 -8.52 -13.15
C ASP A 211 15.74 -9.49 -13.22
N ILE A 212 15.71 -10.37 -14.23
CA ILE A 212 16.72 -11.40 -14.43
C ILE A 212 17.21 -11.32 -15.87
N GLN A 213 18.51 -11.37 -16.05
CA GLN A 213 19.09 -11.50 -17.37
C GLN A 213 20.09 -12.65 -17.35
N ASP A 214 20.04 -13.51 -18.37
CA ASP A 214 20.95 -14.64 -18.42
C ASP A 214 21.21 -15.01 -19.88
N SER A 215 22.18 -15.92 -20.06
CA SER A 215 22.50 -16.53 -21.34
C SER A 215 22.52 -18.03 -21.15
N VAL A 216 22.29 -18.75 -22.23
CA VAL A 216 22.30 -20.20 -22.12
C VAL A 216 22.66 -20.82 -23.47
N GLN A 217 23.36 -21.94 -23.40
CA GLN A 217 23.68 -22.74 -24.57
C GLN A 217 22.47 -23.56 -24.97
N VAL A 218 22.27 -23.69 -26.28
CA VAL A 218 21.13 -24.40 -26.85
C VAL A 218 21.62 -25.68 -27.48
N SER A 219 20.92 -26.79 -27.19
CA SER A 219 21.17 -28.06 -27.85
C SER A 219 19.87 -28.57 -28.47
N SER A 220 19.42 -29.73 -28.00
CA SER A 220 18.18 -30.31 -28.51
C SER A 220 17.00 -29.70 -27.75
N ASP A 221 15.80 -29.92 -28.29
CA ASP A 221 14.62 -29.31 -27.67
C ASP A 221 14.41 -29.81 -26.24
N VAL A 222 14.57 -31.11 -26.03
CA VAL A 222 14.36 -31.67 -24.69
C VAL A 222 15.49 -31.23 -23.74
N GLN A 223 16.74 -31.27 -24.19
CA GLN A 223 17.82 -30.87 -23.29
C GLN A 223 17.81 -29.36 -23.03
N THR A 224 17.43 -28.55 -24.02
CA THR A 224 17.36 -27.12 -23.78
C THR A 224 16.24 -26.77 -22.80
N ALA A 225 15.09 -27.42 -22.93
CA ALA A 225 14.02 -27.24 -21.95
C ALA A 225 14.50 -27.56 -20.54
N LYS A 226 15.24 -28.66 -20.38
CA LYS A 226 15.79 -28.99 -19.07
CA LYS A 226 15.79 -28.99 -19.07
C LYS A 226 16.64 -27.85 -18.53
N GLU A 227 17.46 -27.24 -19.39
CA GLU A 227 18.31 -26.15 -18.93
CA GLU A 227 18.31 -26.15 -18.93
C GLU A 227 17.49 -24.89 -18.64
N PHE A 228 16.50 -24.58 -19.48
CA PHE A 228 15.62 -23.43 -19.22
C PHE A 228 14.98 -23.53 -17.84
N ILE A 229 14.43 -24.71 -17.51
CA ILE A 229 13.73 -24.86 -16.24
C ILE A 229 14.71 -24.82 -15.07
N LYS A 230 15.94 -25.29 -15.27
CA LYS A 230 16.91 -25.19 -14.18
C LYS A 230 17.26 -23.73 -13.90
N ILE A 231 17.38 -22.91 -14.93
CA ILE A 231 17.60 -21.48 -14.75
C ILE A 231 16.45 -20.87 -13.97
N ILE A 232 15.22 -21.18 -14.36
CA ILE A 232 14.05 -20.69 -13.65
C ILE A 232 14.11 -21.13 -12.20
N GLU A 233 14.32 -22.43 -11.97
CA GLU A 233 14.31 -22.98 -10.62
C GLU A 233 15.33 -22.29 -9.72
N ASN A 234 16.57 -22.17 -10.20
CA ASN A 234 17.60 -21.55 -9.38
C ASN A 234 17.27 -20.10 -9.07
N ALA A 235 16.80 -19.35 -10.07
CA ALA A 235 16.53 -17.93 -9.85
C ALA A 235 15.33 -17.73 -8.93
N GLU A 236 14.27 -18.50 -9.12
CA GLU A 236 13.10 -18.35 -8.27
C GLU A 236 13.38 -18.82 -6.85
N ASN A 237 14.17 -19.89 -6.68
CA ASN A 237 14.57 -20.27 -5.32
C ASN A 237 15.37 -19.16 -4.65
N GLU A 238 16.31 -18.57 -5.40
CA GLU A 238 17.17 -17.54 -4.85
CA GLU A 238 17.16 -17.54 -4.83
C GLU A 238 16.36 -16.30 -4.48
N TYR A 239 15.47 -15.87 -5.38
CA TYR A 239 14.62 -14.70 -5.11
C TYR A 239 13.81 -14.90 -3.84
N GLN A 240 13.17 -16.07 -3.69
CA GLN A 240 12.32 -16.32 -2.52
C GLN A 240 13.13 -16.29 -1.23
N THR A 241 14.29 -16.96 -1.20
CA THR A 241 15.11 -16.95 0.01
CA THR A 241 15.10 -16.94 0.01
C THR A 241 15.59 -15.54 0.32
N ALA A 242 16.00 -14.79 -0.69
CA ALA A 242 16.44 -13.41 -0.47
C ALA A 242 15.32 -12.56 0.12
N ILE A 243 14.08 -12.78 -0.35
CA ILE A 243 12.95 -12.05 0.20
C ILE A 243 12.84 -12.28 1.70
N SER A 244 12.79 -13.56 2.10
CA SER A 244 12.62 -13.89 3.51
C SER A 244 13.76 -13.34 4.34
N GLU A 245 14.98 -13.40 3.82
CA GLU A 245 16.13 -12.86 4.54
C GLU A 245 16.03 -11.34 4.66
N ASN A 246 15.52 -10.68 3.62
CA ASN A 246 15.45 -9.22 3.63
C ASN A 246 14.41 -8.72 4.63
N TYR A 247 13.39 -9.53 4.95
CA TYR A 247 12.46 -9.12 6.00
C TYR A 247 13.19 -8.84 7.31
N GLN A 248 14.06 -9.77 7.72
CA GLN A 248 14.83 -9.57 8.95
C GLN A 248 15.71 -8.34 8.87
N THR A 249 16.40 -8.15 7.74
CA THR A 249 17.31 -7.03 7.58
C THR A 249 16.56 -5.70 7.61
N MET A 250 15.42 -5.63 6.92
CA MET A 250 14.60 -4.41 6.92
C MET A 250 14.21 -4.02 8.32
N SER A 251 13.81 -4.99 9.15
CA SER A 251 13.45 -4.68 10.52
C SER A 251 14.66 -4.22 11.32
N ASP A 252 15.81 -4.90 11.12
CA ASP A 252 17.01 -4.60 11.91
C ASP A 252 17.61 -3.25 11.57
N THR A 253 17.42 -2.79 10.33
CA THR A 253 18.01 -1.53 9.91
C THR A 253 16.93 -0.49 9.73
N THR A 254 16.26 -0.51 8.57
CA THR A 254 15.37 0.59 8.18
C THR A 254 14.26 0.82 9.21
N PHE A 255 13.64 -0.25 9.71
CA PHE A 255 12.50 -0.07 10.61
C PHE A 255 12.94 0.60 11.91
N LYS A 256 13.98 0.06 12.53
CA LYS A 256 14.51 0.66 13.76
C LYS A 256 14.99 2.09 13.53
N ALA A 257 15.50 2.38 12.33
CA ALA A 257 15.92 3.73 12.03
C ALA A 257 14.74 4.68 11.91
N LEU A 258 13.57 4.18 11.55
CA LEU A 258 12.40 5.06 11.49
C LEU A 258 11.82 5.34 12.88
N ARG A 259 11.70 4.31 13.73
CA ARG A 259 11.31 4.54 15.11
C ARG A 259 11.74 3.37 15.97
N ARG A 260 12.39 3.67 17.09
CA ARG A 260 12.86 2.65 18.01
C ARG A 260 11.67 1.97 18.68
N GLN A 261 11.92 0.77 19.22
CA GLN A 261 10.94 0.17 20.12
C GLN A 261 10.88 0.94 21.43
N LEU A 262 12.04 1.31 21.96
CA LEU A 262 12.16 2.02 23.23
C LEU A 262 13.34 2.98 23.14
N PRO A 263 13.36 4.01 23.98
CA PRO A 263 14.56 4.87 24.07
C PRO A 263 15.74 4.06 24.55
N VAL A 264 16.94 4.67 24.42
CA VAL A 264 18.18 4.01 24.81
CA VAL A 264 18.19 4.00 24.81
C VAL A 264 18.18 3.62 26.29
N THR A 265 17.38 4.30 27.10
CA THR A 265 17.22 3.90 28.50
C THR A 265 16.63 2.50 28.65
N ARG A 266 16.02 1.95 27.59
CA ARG A 266 15.32 0.67 27.65
C ARG A 266 14.19 0.69 28.68
N THR A 267 13.60 1.87 28.90
CA THR A 267 12.35 2.01 29.62
C THR A 267 11.52 3.06 28.90
N LYS A 268 10.21 3.02 29.14
CA LYS A 268 9.36 4.09 28.63
C LYS A 268 9.73 5.43 29.29
N ILE A 269 9.21 6.50 28.72
CA ILE A 269 9.65 7.85 29.05
C ILE A 269 9.16 8.24 30.44
N ASP A 270 10.01 8.94 31.18
CA ASP A 270 9.65 9.65 32.40
C ASP A 270 9.14 11.03 32.00
N TRP A 271 7.82 11.20 31.99
CA TRP A 271 7.26 12.44 31.46
C TRP A 271 7.45 13.59 32.42
N ASN A 272 7.49 13.32 33.73
CA ASN A 272 7.79 14.39 34.67
C ASN A 272 9.22 14.89 34.47
N LYS A 273 10.14 13.99 34.10
CA LYS A 273 11.47 14.43 33.70
C LYS A 273 11.40 15.32 32.47
N ILE A 274 10.58 14.95 31.48
CA ILE A 274 10.45 15.76 30.27
C ILE A 274 9.94 17.15 30.62
N LEU A 275 8.86 17.21 31.39
CA LEU A 275 8.19 18.48 31.65
C LEU A 275 9.01 19.38 32.56
N SER A 276 9.80 18.80 33.46
CA SER A 276 10.63 19.59 34.37
C SER A 276 11.87 20.16 33.69
N TYR A 277 12.12 19.82 32.43
CA TYR A 277 13.26 20.34 31.70
C TYR A 277 12.84 21.57 30.90
N ASP B 3 -22.88 8.06 4.17
CA ASP B 3 -23.55 7.68 2.93
C ASP B 3 -22.83 6.52 2.24
N GLN B 4 -23.49 5.95 1.25
CA GLN B 4 -22.93 4.77 0.59
C GLN B 4 -21.71 5.13 -0.23
N GLN B 5 -21.73 6.30 -0.90
CA GLN B 5 -20.57 6.68 -1.68
C GLN B 5 -19.36 6.91 -0.80
N LEU B 6 -19.56 7.49 0.39
CA LEU B 6 -18.44 7.63 1.31
C LEU B 6 -17.90 6.27 1.74
N ASP B 7 -18.79 5.32 2.03
CA ASP B 7 -18.33 4.00 2.46
C ASP B 7 -17.56 3.31 1.34
N CYS B 8 -18.01 3.50 0.09
CA CYS B 8 -17.31 2.94 -1.06
C CYS B 8 -15.94 3.57 -1.22
N ALA B 9 -15.85 4.89 -1.04
CA ALA B 9 -14.56 5.58 -1.09
C ALA B 9 -13.63 5.06 -0.01
N LEU B 10 -14.16 4.91 1.21
CA LEU B 10 -13.33 4.41 2.32
C LEU B 10 -12.91 2.96 2.08
N ASP B 11 -13.79 2.16 1.46
CA ASP B 11 -13.39 0.81 1.09
C ASP B 11 -12.31 0.81 0.03
N LEU B 12 -12.42 1.69 -0.98
CA LEU B 12 -11.37 1.79 -1.99
C LEU B 12 -10.03 2.14 -1.37
N MET B 13 -10.02 3.07 -0.39
CA MET B 13 -8.78 3.45 0.27
C MET B 13 -8.19 2.31 1.08
N ARG B 14 -9.02 1.34 1.45
CA ARG B 14 -8.56 0.15 2.14
CA ARG B 14 -8.57 0.15 2.14
C ARG B 14 -7.90 -0.85 1.19
N ARG B 15 -8.11 -0.70 -0.12
CA ARG B 15 -7.62 -1.65 -1.10
C ARG B 15 -6.62 -1.09 -2.09
N LEU B 16 -6.68 0.20 -2.42
CA LEU B 16 -5.73 0.75 -3.37
C LEU B 16 -4.36 0.86 -2.73
N PRO B 17 -3.28 0.82 -3.52
CA PRO B 17 -1.92 0.80 -2.96
C PRO B 17 -1.71 1.95 -1.98
N PRO B 18 -1.33 1.64 -0.74
CA PRO B 18 -1.09 2.71 0.26
C PRO B 18 0.08 3.59 -0.11
N GLN B 19 0.97 3.11 -0.98
CA GLN B 19 2.08 3.92 -1.46
CA GLN B 19 2.08 3.92 -1.46
C GLN B 19 1.61 5.17 -2.20
N GLN B 20 0.33 5.26 -2.55
CA GLN B 20 -0.20 6.35 -3.36
C GLN B 20 -1.42 6.98 -2.69
N ILE B 21 -1.39 7.13 -1.36
CA ILE B 21 -2.56 7.65 -0.64
C ILE B 21 -2.99 9.00 -1.20
N GLU B 22 -2.03 9.89 -1.48
CA GLU B 22 -2.38 11.23 -1.93
CA GLU B 22 -2.38 11.23 -1.93
C GLU B 22 -3.14 11.20 -3.24
N LYS B 23 -2.58 10.50 -4.25
CA LYS B 23 -3.26 10.43 -5.54
C LYS B 23 -4.59 9.68 -5.44
N ASN B 24 -4.67 8.65 -4.58
CA ASN B 24 -5.95 7.95 -4.43
C ASN B 24 -7.04 8.91 -3.98
N LEU B 25 -6.76 9.66 -2.91
CA LEU B 25 -7.73 10.65 -2.43
C LEU B 25 -8.07 11.67 -3.50
N SER B 26 -7.05 12.19 -4.20
CA SER B 26 -7.32 13.19 -5.22
CA SER B 26 -7.32 13.19 -5.23
C SER B 26 -8.22 12.62 -6.32
N ASP B 27 -7.96 11.37 -6.74
CA ASP B 27 -8.78 10.76 -7.78
C ASP B 27 -10.21 10.55 -7.30
N LEU B 28 -10.40 10.12 -6.05
CA LEU B 28 -11.74 9.95 -5.51
C LEU B 28 -12.50 11.27 -5.47
N ILE B 29 -11.84 12.34 -5.03
CA ILE B 29 -12.51 13.63 -4.91
C ILE B 29 -12.85 14.18 -6.30
N ASP B 30 -11.96 13.97 -7.27
CA ASP B 30 -12.29 14.30 -8.66
C ASP B 30 -13.51 13.53 -9.14
N LEU B 31 -13.59 12.24 -8.81
CA LEU B 31 -14.68 11.41 -9.27
C LEU B 31 -16.02 11.84 -8.66
N VAL B 32 -16.03 12.11 -7.36
CA VAL B 32 -17.25 12.48 -6.65
C VAL B 32 -16.95 13.70 -5.78
N PRO B 33 -17.06 14.93 -6.32
CA PRO B 33 -16.57 16.10 -5.57
C PRO B 33 -17.25 16.31 -4.24
N SER B 34 -18.52 15.91 -4.10
CA SER B 34 -19.23 16.12 -2.84
C SER B 34 -18.70 15.26 -1.70
N LEU B 35 -17.78 14.33 -1.97
CA LEU B 35 -17.16 13.57 -0.90
C LEU B 35 -16.03 14.30 -0.22
N CYS B 36 -15.55 15.41 -0.81
CA CYS B 36 -14.28 16.00 -0.41
C CYS B 36 -14.19 16.21 1.09
N GLU B 37 -15.16 16.92 1.66
CA GLU B 37 -15.10 17.27 3.08
C GLU B 37 -15.05 16.03 3.96
N ASP B 38 -16.01 15.12 3.78
CA ASP B 38 -16.10 13.95 4.65
C ASP B 38 -14.94 12.99 4.44
N LEU B 39 -14.49 12.84 3.18
CA LEU B 39 -13.40 11.93 2.91
C LEU B 39 -12.10 12.43 3.54
N LEU B 40 -11.81 13.73 3.40
CA LEU B 40 -10.57 14.26 3.95
C LEU B 40 -10.60 14.34 5.48
N SER B 41 -11.79 14.43 6.08
CA SER B 41 -11.85 14.37 7.54
C SER B 41 -11.72 12.95 8.06
N SER B 42 -11.99 11.94 7.23
CA SER B 42 -11.92 10.54 7.65
C SER B 42 -10.55 9.91 7.38
N VAL B 43 -9.85 10.33 6.32
CA VAL B 43 -8.60 9.72 5.91
C VAL B 43 -7.49 10.76 6.05
N ASP B 44 -6.48 10.46 6.85
CA ASP B 44 -5.33 11.34 6.97
C ASP B 44 -4.43 11.21 5.75
N GLN B 45 -3.82 12.31 5.34
CA GLN B 45 -2.90 12.35 4.22
CA GLN B 45 -2.91 12.30 4.22
C GLN B 45 -1.46 12.32 4.71
N PRO B 46 -0.52 11.88 3.88
CA PRO B 46 0.89 11.95 4.29
C PRO B 46 1.25 13.37 4.72
N LEU B 47 2.11 13.47 5.73
CA LEU B 47 2.48 14.75 6.30
C LEU B 47 3.45 15.52 5.39
N LYS B 48 3.31 16.85 5.41
CA LYS B 48 4.15 17.74 4.63
C LYS B 48 4.87 18.71 5.56
N ILE B 49 6.11 19.05 5.23
CA ILE B 49 6.96 19.85 6.10
C ILE B 49 7.06 21.26 5.53
N ALA B 50 6.95 22.26 6.41
CA ALA B 50 7.15 23.65 6.06
C ALA B 50 8.24 24.23 6.93
N ARG B 51 8.78 25.37 6.50
CA ARG B 51 9.85 26.06 7.22
C ARG B 51 9.31 27.34 7.84
N ASP B 52 9.43 27.47 9.14
CA ASP B 52 9.16 28.72 9.84
C ASP B 52 10.43 29.57 9.76
N LYS B 53 10.44 30.52 8.83
CA LYS B 53 11.61 31.36 8.60
C LYS B 53 11.78 32.43 9.67
N VAL B 54 10.73 32.69 10.45
CA VAL B 54 10.81 33.68 11.52
C VAL B 54 11.65 33.13 12.67
N VAL B 55 11.26 31.97 13.18
CA VAL B 55 11.98 31.33 14.29
C VAL B 55 13.12 30.45 13.81
N GLY B 56 13.04 29.94 12.58
CA GLY B 56 14.07 29.05 12.08
C GLY B 56 13.82 27.63 12.54
N LYS B 57 12.67 27.08 12.18
CA LYS B 57 12.30 25.73 12.61
CA LYS B 57 12.31 25.73 12.60
C LYS B 57 11.33 25.13 11.61
N ASP B 58 11.40 23.81 11.46
CA ASP B 58 10.47 23.09 10.61
C ASP B 58 9.20 22.76 11.38
N TYR B 59 8.07 22.74 10.68
CA TYR B 59 6.80 22.37 11.29
C TYR B 59 5.94 21.63 10.27
N LEU B 60 4.95 20.89 10.78
CA LEU B 60 4.15 19.99 9.98
C LEU B 60 2.77 20.57 9.71
N LEU B 61 2.24 20.25 8.52
CA LEU B 61 1.00 20.84 8.03
C LEU B 61 -0.16 19.86 8.15
N CYS B 62 -1.31 20.35 8.57
CA CYS B 62 -2.53 19.56 8.59
C CYS B 62 -3.71 20.51 8.54
N ASP B 63 -4.91 19.97 8.45
CA ASP B 63 -6.09 20.83 8.41
C ASP B 63 -6.23 21.62 9.71
N TYR B 64 -5.74 21.09 10.83
CA TYR B 64 -6.02 21.73 12.11
C TYR B 64 -5.22 23.00 12.33
N ASN B 65 -4.11 23.20 11.61
CA ASN B 65 -3.41 24.47 11.71
C ASN B 65 -3.57 25.30 10.44
N ARG B 66 -4.59 24.99 9.63
CA ARG B 66 -4.88 25.71 8.39
C ARG B 66 -6.01 26.71 8.63
N ASP B 67 -5.81 27.95 8.17
CA ASP B 67 -6.87 28.93 8.08
C ASP B 67 -6.82 29.53 6.68
N GLY B 68 -7.89 29.35 5.92
CA GLY B 68 -7.87 29.68 4.51
C GLY B 68 -6.80 28.88 3.81
N ASP B 69 -5.77 29.55 3.30
CA ASP B 69 -4.66 28.89 2.62
C ASP B 69 -3.35 29.10 3.34
N SER B 70 -3.36 29.71 4.50
CA SER B 70 -2.20 29.85 5.34
C SER B 70 -2.20 28.77 6.40
N TYR B 71 -1.01 28.47 6.92
CA TYR B 71 -0.85 27.52 8.00
C TYR B 71 -0.05 28.20 9.11
N ARG B 72 -0.42 27.85 10.35
CA ARG B 72 0.15 28.46 11.54
C ARG B 72 1.32 27.62 12.04
N SER B 73 2.44 28.28 12.30
CA SER B 73 3.58 27.62 12.93
C SER B 73 3.35 27.52 14.44
N PRO B 74 3.66 26.38 15.05
CA PRO B 74 3.56 26.28 16.52
C PRO B 74 4.69 27.01 17.23
N TRP B 75 5.73 27.40 16.50
CA TRP B 75 6.86 28.10 17.09
C TRP B 75 6.59 29.60 17.11
N SER B 76 6.40 30.20 15.95
CA SER B 76 6.12 31.64 15.89
C SER B 76 4.68 31.98 16.26
N ASN B 77 3.75 31.02 16.17
CA ASN B 77 2.32 31.29 16.35
C ASN B 77 1.80 32.31 15.34
N LYS B 78 2.41 32.31 14.15
CA LYS B 78 1.98 33.17 13.05
C LYS B 78 1.69 32.30 11.82
N TYR B 79 0.83 32.82 10.95
CA TYR B 79 0.43 32.14 9.72
C TYR B 79 1.37 32.47 8.56
N ASP B 80 1.49 31.52 7.65
CA ASP B 80 2.29 31.71 6.44
C ASP B 80 1.45 31.27 5.25
N PRO B 81 1.12 32.17 4.30
CA PRO B 81 1.39 33.61 4.32
C PRO B 81 0.66 34.30 5.48
N PRO B 82 1.14 35.47 5.91
CA PRO B 82 0.51 36.13 7.05
C PRO B 82 -0.97 36.39 6.80
N LEU B 83 -1.75 36.36 7.89
CA LEU B 83 -3.18 36.61 7.85
C LEU B 83 -3.53 37.74 8.80
N GLU B 84 -4.60 38.47 8.47
CA GLU B 84 -5.05 39.57 9.30
C GLU B 84 -5.46 39.08 10.68
N ASP B 85 -6.46 38.20 10.74
CA ASP B 85 -6.95 37.66 12.01
CA ASP B 85 -6.95 37.64 12.01
C ASP B 85 -7.23 36.15 11.82
N GLY B 86 -6.16 35.37 11.76
CA GLY B 86 -6.31 33.93 11.64
C GLY B 86 -6.71 33.30 12.96
N ALA B 87 -7.23 32.08 12.86
CA ALA B 87 -7.66 31.36 14.05
C ALA B 87 -6.46 31.02 14.92
N MET B 88 -6.57 31.27 16.22
CA MET B 88 -5.48 31.07 17.16
C MET B 88 -6.01 30.46 18.44
N PRO B 89 -5.21 29.64 19.12
CA PRO B 89 -5.63 29.10 20.42
C PRO B 89 -5.81 30.24 21.41
N SER B 90 -6.64 29.98 22.42
CA SER B 90 -6.76 30.90 23.53
C SER B 90 -5.41 31.06 24.23
N ALA B 91 -5.27 32.15 24.97
CA ALA B 91 -4.00 32.42 25.65
C ALA B 91 -3.62 31.26 26.57
N ARG B 92 -4.57 30.76 27.34
CA ARG B 92 -4.33 29.63 28.23
C ARG B 92 -3.84 28.43 27.44
N LEU B 93 -4.50 28.13 26.32
CA LEU B 93 -4.12 26.96 25.54
C LEU B 93 -2.79 27.15 24.83
N ARG B 94 -2.47 28.40 24.43
CA ARG B 94 -1.21 28.63 23.76
C ARG B 94 -0.04 28.27 24.65
N LYS B 95 -0.13 28.64 25.94
CA LYS B 95 0.88 28.26 26.92
C LYS B 95 1.02 26.75 26.98
N LEU B 96 -0.12 26.05 27.04
CA LEU B 96 -0.07 24.58 26.99
C LEU B 96 0.52 24.10 25.68
N GLU B 97 0.20 24.78 24.58
CA GLU B 97 0.68 24.36 23.27
C GLU B 97 2.19 24.50 23.18
N VAL B 98 2.74 25.60 23.71
CA VAL B 98 4.20 25.76 23.73
C VAL B 98 4.83 24.63 24.54
N GLU B 99 4.31 24.37 25.73
CA GLU B 99 4.85 23.31 26.57
CA GLU B 99 4.88 23.32 26.55
C GLU B 99 4.76 21.95 25.87
N ALA B 100 3.69 21.73 25.10
CA ALA B 100 3.50 20.43 24.47
C ALA B 100 4.47 20.24 23.31
N ASN B 101 4.68 21.28 22.51
CA ASN B 101 5.66 21.17 21.43
C ASN B 101 7.06 20.88 21.97
N ASN B 102 7.42 21.48 23.11
CA ASN B 102 8.73 21.21 23.66
C ASN B 102 8.81 19.79 24.22
N ALA B 103 7.75 19.36 24.91
CA ALA B 103 7.69 18.00 25.41
C ALA B 103 7.77 16.97 24.29
N PHE B 104 7.04 17.20 23.19
CA PHE B 104 7.05 16.19 22.15
C PHE B 104 8.30 16.24 21.28
N ASP B 105 9.00 17.38 21.24
CA ASP B 105 10.35 17.38 20.66
C ASP B 105 11.28 16.40 21.38
N GLN B 106 11.23 16.38 22.71
CA GLN B 106 12.05 15.45 23.49
C GLN B 106 11.57 14.02 23.29
N TYR B 107 10.26 13.79 23.37
CA TYR B 107 9.67 12.51 23.02
C TYR B 107 10.17 12.02 21.66
N ARG B 108 10.12 12.89 20.65
CA ARG B 108 10.49 12.48 19.30
C ARG B 108 11.97 12.15 19.23
N ASP B 109 12.81 12.98 19.86
CA ASP B 109 14.23 12.69 19.89
C ASP B 109 14.52 11.32 20.52
N LEU B 110 13.82 10.99 21.61
CA LEU B 110 14.13 9.76 22.33
C LEU B 110 13.66 8.51 21.59
N TYR B 111 12.53 8.58 20.88
CA TYR B 111 12.01 7.42 20.17
C TYR B 111 12.42 7.36 18.70
N PHE B 112 12.61 8.52 18.06
CA PHE B 112 12.82 8.57 16.63
C PHE B 112 14.23 9.01 16.24
N GLU B 113 14.95 9.65 17.14
CA GLU B 113 16.35 10.06 16.91
C GLU B 113 16.48 10.92 15.68
N GLY B 114 15.56 11.85 15.50
CA GLY B 114 15.51 12.71 14.35
C GLY B 114 14.07 13.00 14.00
N GLY B 115 13.86 13.45 12.76
CA GLY B 115 12.53 13.79 12.29
C GLY B 115 12.04 15.13 12.79
N VAL B 116 10.73 15.36 12.62
CA VAL B 116 10.08 16.62 12.95
C VAL B 116 8.76 16.32 13.65
N SER B 117 8.40 17.16 14.63
CA SER B 117 7.13 17.04 15.32
C SER B 117 6.48 18.41 15.45
N SER B 118 5.13 18.44 15.48
CA SER B 118 4.37 19.67 15.71
C SER B 118 3.13 19.33 16.52
N VAL B 119 2.75 20.23 17.43
CA VAL B 119 1.53 20.08 18.23
C VAL B 119 0.68 21.33 18.07
N TYR B 120 -0.60 21.13 17.77
CA TYR B 120 -1.56 22.23 17.71
C TYR B 120 -2.75 21.93 18.62
N LEU B 121 -3.15 22.91 19.42
CA LEU B 121 -4.26 22.80 20.35
C LEU B 121 -5.36 23.82 20.02
N TRP B 122 -6.60 23.47 20.35
CA TRP B 122 -7.72 24.40 20.15
C TRP B 122 -8.80 24.16 21.20
N ASP B 123 -9.55 25.21 21.50
CA ASP B 123 -10.54 25.16 22.57
CA ASP B 123 -10.52 25.13 22.57
C ASP B 123 -11.80 24.43 22.12
N LEU B 124 -12.44 23.74 23.06
CA LEU B 124 -13.76 23.15 22.92
C LEU B 124 -14.59 23.61 24.10
N ASP B 125 -15.92 23.44 23.98
CA ASP B 125 -16.83 23.95 25.00
C ASP B 125 -16.42 23.51 26.40
N HIS B 126 -16.03 22.24 26.57
CA HIS B 126 -15.83 21.67 27.89
C HIS B 126 -14.44 21.08 28.08
N GLY B 127 -13.47 21.65 27.41
CA GLY B 127 -12.11 21.17 27.51
C GLY B 127 -11.38 21.71 26.31
N PHE B 128 -10.62 20.85 25.64
CA PHE B 128 -9.87 21.27 24.47
C PHE B 128 -9.51 20.02 23.68
N ALA B 129 -8.92 20.23 22.53
CA ALA B 129 -8.47 19.13 21.70
C ALA B 129 -7.13 19.50 21.10
N GLY B 130 -6.46 18.50 20.53
CA GLY B 130 -5.15 18.76 19.96
C GLY B 130 -4.78 17.71 18.95
N VAL B 131 -3.78 18.04 18.15
CA VAL B 131 -3.17 17.09 17.22
C VAL B 131 -1.68 17.05 17.50
N ILE B 132 -1.12 15.84 17.52
CA ILE B 132 0.33 15.62 17.61
C ILE B 132 0.76 14.94 16.31
N LEU B 133 1.67 15.60 15.58
CA LEU B 133 2.15 15.13 14.29
C LEU B 133 3.63 14.81 14.40
N ILE B 134 4.03 13.65 13.88
CA ILE B 134 5.44 13.25 13.90
C ILE B 134 5.76 12.65 12.54
N LYS B 135 6.85 13.11 11.93
CA LYS B 135 7.34 12.59 10.66
C LYS B 135 8.82 12.24 10.77
N LYS B 136 9.19 11.05 10.32
CA LYS B 136 10.58 10.62 10.26
C LYS B 136 10.82 9.96 8.90
N ALA B 137 11.89 10.37 8.22
CA ALA B 137 12.23 9.78 6.93
C ALA B 137 13.53 9.01 7.04
N GLY B 138 13.80 8.19 6.03
CA GLY B 138 14.98 7.35 6.01
C GLY B 138 16.12 7.96 5.23
N LYS B 142 18.87 6.31 -0.89
CA LYS B 142 18.64 6.16 -2.33
C LYS B 142 18.03 4.80 -2.64
N LYS B 143 18.72 3.73 -2.22
CA LYS B 143 18.22 2.37 -2.39
C LYS B 143 17.56 1.82 -1.13
N ILE B 144 17.68 2.51 0.00
CA ILE B 144 16.97 2.16 1.23
C ILE B 144 16.26 3.41 1.73
N LYS B 145 14.93 3.44 1.58
CA LYS B 145 14.12 4.58 1.96
C LYS B 145 13.03 4.14 2.92
N GLY B 146 12.42 5.10 3.57
CA GLY B 146 11.32 4.80 4.46
C GLY B 146 10.72 6.08 5.01
N CYS B 147 9.49 5.97 5.48
CA CYS B 147 8.81 7.12 6.05
C CYS B 147 7.81 6.62 7.09
N TRP B 148 7.86 7.23 8.27
CA TRP B 148 6.87 7.07 9.33
C TRP B 148 6.14 8.40 9.48
N ASP B 149 4.82 8.37 9.42
CA ASP B 149 3.98 9.53 9.72
C ASP B 149 2.99 9.15 10.82
N SER B 150 2.95 9.91 11.90
N SER B 150 2.99 9.91 11.91
CA SER B 150 1.93 9.66 12.93
CA SER B 150 2.02 9.79 13.00
C SER B 150 1.09 10.91 13.14
C SER B 150 1.06 10.98 12.96
N ILE B 151 -0.22 10.71 13.20
CA ILE B 151 -1.21 11.77 13.42
C ILE B 151 -2.04 11.33 14.62
N HIS B 152 -1.94 12.06 15.72
CA HIS B 152 -2.65 11.75 16.96
C HIS B 152 -3.63 12.87 17.25
N VAL B 153 -4.92 12.56 17.34
CA VAL B 153 -5.94 13.56 17.65
C VAL B 153 -6.51 13.24 19.02
N VAL B 154 -6.37 14.17 19.95
CA VAL B 154 -6.78 13.94 21.33
C VAL B 154 -7.90 14.90 21.69
N GLU B 155 -8.90 14.39 22.39
CA GLU B 155 -10.01 15.17 22.92
C GLU B 155 -9.96 15.10 24.42
N VAL B 156 -10.04 16.25 25.09
CA VAL B 156 -9.88 16.33 26.53
C VAL B 156 -11.12 16.99 27.11
N GLN B 157 -11.83 16.27 27.97
CA GLN B 157 -13.01 16.79 28.64
C GLN B 157 -12.69 16.96 30.12
N GLU B 158 -12.61 18.21 30.55
CA GLU B 158 -12.24 18.51 31.94
C GLU B 158 -13.48 18.43 32.83
N LYS B 159 -13.33 17.75 33.96
CA LYS B 159 -14.45 17.54 34.87
C LYS B 159 -14.21 18.20 36.23
C ARG B 163 -9.28 16.67 38.11
N THR B 164 -10.30 16.12 37.47
CA THR B 164 -10.15 14.94 36.63
C THR B 164 -10.45 15.31 35.18
N ALA B 165 -10.01 14.44 34.27
CA ALA B 165 -10.25 14.68 32.86
C ALA B 165 -10.37 13.33 32.14
N HIS B 166 -11.20 13.33 31.10
CA HIS B 166 -11.36 12.19 30.22
C HIS B 166 -10.66 12.48 28.89
N TYR B 167 -9.80 11.56 28.46
CA TYR B 167 -9.03 11.69 27.23
C TYR B 167 -9.52 10.68 26.21
N LYS B 168 -9.73 11.13 24.98
CA LYS B 168 -10.04 10.26 23.84
C LYS B 168 -8.99 10.47 22.76
N LEU B 169 -8.34 9.38 22.32
CA LEU B 169 -7.24 9.46 21.38
C LEU B 169 -7.55 8.66 20.12
N THR B 170 -7.40 9.30 18.97
CA THR B 170 -7.54 8.66 17.67
C THR B 170 -6.23 8.83 16.93
N SER B 171 -5.56 7.71 16.64
CA SER B 171 -4.19 7.73 16.16
C SER B 171 -4.09 6.97 14.85
N THR B 172 -3.40 7.57 13.88
CA THR B 172 -3.09 6.94 12.61
C THR B 172 -1.57 6.92 12.43
N VAL B 173 -1.03 5.77 12.03
CA VAL B 173 0.37 5.67 11.62
C VAL B 173 0.39 5.18 10.18
N MET B 174 1.14 5.90 9.34
CA MET B 174 1.46 5.47 7.99
C MET B 174 2.94 5.14 7.94
N LEU B 175 3.25 3.93 7.49
CA LEU B 175 4.62 3.44 7.47
C LEU B 175 4.89 2.84 6.11
N TRP B 176 5.96 3.26 5.47
CA TRP B 176 6.38 2.55 4.27
C TRP B 176 7.90 2.45 4.22
N LEU B 177 8.36 1.33 3.66
CA LEU B 177 9.77 1.00 3.57
C LEU B 177 10.04 0.44 2.18
N GLN B 178 11.18 0.76 1.61
CA GLN B 178 11.52 0.18 0.32
C GLN B 178 13.01 -0.12 0.29
N THR B 179 13.36 -1.31 -0.19
CA THR B 179 14.74 -1.66 -0.45
C THR B 179 14.89 -2.06 -1.92
N ASN B 180 16.07 -1.79 -2.46
CA ASN B 180 16.44 -2.26 -3.80
CA ASN B 180 16.44 -2.25 -3.80
C ASN B 180 17.79 -2.94 -3.65
N LYS B 181 17.80 -4.26 -3.76
CA LYS B 181 18.99 -5.07 -3.51
C LYS B 181 19.13 -6.14 -4.57
N THR B 182 20.37 -6.66 -4.70
CA THR B 182 20.66 -7.66 -5.72
C THR B 182 19.81 -8.90 -5.54
N GLY B 183 19.80 -9.48 -4.33
CA GLY B 183 19.12 -10.74 -4.13
C GLY B 183 17.61 -10.59 -4.24
N SER B 184 17.04 -9.63 -3.52
CA SER B 184 15.59 -9.50 -3.36
C SER B 184 14.96 -8.51 -4.33
N GLY B 185 15.73 -7.94 -5.26
CA GLY B 185 15.18 -6.95 -6.16
C GLY B 185 14.63 -5.76 -5.40
N THR B 186 13.49 -5.26 -5.86
CA THR B 186 12.80 -4.17 -5.19
C THR B 186 11.75 -4.75 -4.25
N MET B 187 11.78 -4.34 -2.99
CA MET B 187 10.78 -4.77 -2.01
C MET B 187 10.17 -3.52 -1.40
N ASN B 188 8.85 -3.40 -1.47
CA ASN B 188 8.15 -2.22 -1.00
C ASN B 188 7.04 -2.65 -0.05
N LEU B 189 7.05 -2.11 1.16
CA LEU B 189 6.00 -2.37 2.14
C LEU B 189 5.38 -1.02 2.50
N GLY B 190 4.08 -0.89 2.24
CA GLY B 190 3.36 0.32 2.58
C GLY B 190 2.09 0.00 3.33
N GLY B 191 1.70 0.92 4.20
CA GLY B 191 0.52 0.62 4.99
C GLY B 191 0.09 1.77 5.88
N SER B 192 -1.11 1.62 6.40
CA SER B 192 -1.76 2.64 7.22
C SER B 192 -2.61 1.93 8.25
N LEU B 193 -2.53 2.37 9.50
CA LEU B 193 -3.25 1.74 10.60
C LEU B 193 -3.79 2.82 11.52
N THR B 194 -5.04 2.66 11.97
CA THR B 194 -5.68 3.60 12.88
C THR B 194 -6.21 2.86 14.10
N ARG B 195 -6.00 3.45 15.28
CA ARG B 195 -6.43 2.88 16.55
CA ARG B 195 -6.47 2.88 16.54
C ARG B 195 -7.04 3.99 17.42
N GLN B 196 -7.85 3.59 18.41
CA GLN B 196 -8.43 4.52 19.38
C GLN B 196 -8.28 3.96 20.79
N MET B 197 -8.18 4.88 21.76
CA MET B 197 -8.05 4.53 23.17
CA MET B 197 -8.17 4.48 23.15
C MET B 197 -8.79 5.59 23.99
N GLU B 198 -9.17 5.22 25.21
CA GLU B 198 -9.84 6.13 26.13
C GLU B 198 -9.24 5.98 27.52
N LYS B 199 -9.44 7.01 28.34
CA LYS B 199 -8.73 7.08 29.62
C LYS B 199 -9.23 8.24 30.46
N ASP B 200 -9.48 7.99 31.75
CA ASP B 200 -9.65 9.05 32.73
C ASP B 200 -8.36 9.17 33.53
N GLU B 201 -8.01 10.39 33.92
CA GLU B 201 -6.77 10.62 34.63
C GLU B 201 -6.96 11.69 35.69
N THR B 202 -6.15 11.63 36.74
CA THR B 202 -5.99 12.77 37.64
C THR B 202 -5.25 13.86 36.90
N VAL B 203 -5.63 15.11 37.17
CA VAL B 203 -4.90 16.26 36.66
C VAL B 203 -4.33 17.02 37.86
N SER B 204 -3.01 17.14 37.90
CA SER B 204 -2.34 17.83 38.99
C SER B 204 -0.93 18.19 38.52
N ASP B 205 -0.18 18.82 39.42
CA ASP B 205 1.24 19.02 39.18
C ASP B 205 1.97 17.70 39.01
N SER B 206 1.41 16.62 39.56
CA SER B 206 1.98 15.29 39.35
C SER B 206 1.75 14.81 37.92
N SER B 207 0.51 14.89 37.45
CA SER B 207 0.16 14.43 36.11
C SER B 207 -0.64 15.55 35.43
N PRO B 208 0.04 16.56 34.90
CA PRO B 208 -0.67 17.59 34.13
C PRO B 208 -1.11 17.02 32.79
N HIS B 209 -1.88 17.83 32.06
CA HIS B 209 -2.46 17.39 30.80
C HIS B 209 -1.42 16.86 29.83
N ILE B 210 -0.28 17.54 29.71
CA ILE B 210 0.72 17.12 28.73
CA ILE B 210 0.72 17.11 28.73
C ILE B 210 1.32 15.76 29.11
N ALA B 211 1.55 15.54 30.41
CA ALA B 211 2.02 14.22 30.83
C ALA B 211 0.98 13.14 30.56
N ASN B 212 -0.29 13.44 30.83
CA ASN B 212 -1.35 12.47 30.54
C ASN B 212 -1.44 12.18 29.05
N ILE B 213 -1.43 13.24 28.24
CA ILE B 213 -1.47 13.08 26.79
C ILE B 213 -0.22 12.37 26.28
N GLY B 214 0.94 12.74 26.82
CA GLY B 214 2.16 12.11 26.34
C GLY B 214 2.18 10.61 26.60
N ARG B 215 1.77 10.19 27.80
CA ARG B 215 1.71 8.77 28.12
C ARG B 215 0.73 8.06 27.20
N LEU B 216 -0.41 8.67 26.92
CA LEU B 216 -1.39 8.08 26.02
C LEU B 216 -0.80 7.91 24.63
N VAL B 217 -0.15 8.94 24.11
CA VAL B 217 0.44 8.85 22.78
C VAL B 217 1.57 7.83 22.75
N GLU B 218 2.43 7.82 23.76
CA GLU B 218 3.52 6.85 23.82
C GLU B 218 2.99 5.43 23.82
N ASP B 219 2.00 5.15 24.69
CA ASP B 219 1.39 3.83 24.73
C ASP B 219 0.85 3.43 23.37
N MET B 220 0.10 4.34 22.74
CA MET B 220 -0.50 4.06 21.44
C MET B 220 0.55 3.77 20.37
N GLU B 221 1.61 4.59 20.31
CA GLU B 221 2.60 4.40 19.25
C GLU B 221 3.38 3.10 19.44
N ASN B 222 3.74 2.79 20.69
CA ASN B 222 4.40 1.52 20.97
C ASN B 222 3.51 0.35 20.55
N LYS B 223 2.22 0.43 20.86
CA LYS B 223 1.31 -0.65 20.49
C LYS B 223 1.16 -0.76 18.98
N ILE B 224 0.99 0.38 18.30
CA ILE B 224 0.86 0.36 16.84
C ILE B 224 2.15 -0.11 16.19
N ARG B 225 3.31 0.33 16.71
CA ARG B 225 4.57 -0.14 16.16
C ARG B 225 4.67 -1.66 16.20
N SER B 226 4.28 -2.26 17.32
N SER B 226 4.27 -2.27 17.32
CA SER B 226 4.35 -3.71 17.45
CA SER B 226 4.36 -3.72 17.44
C SER B 226 3.38 -4.40 16.50
C SER B 226 3.37 -4.41 16.50
N THR B 227 2.18 -3.83 16.33
CA THR B 227 1.23 -4.40 15.38
C THR B 227 1.75 -4.30 13.95
N LEU B 228 2.30 -3.14 13.59
CA LEU B 228 2.92 -2.99 12.28
C LEU B 228 4.06 -3.98 12.09
N ASN B 229 4.89 -4.16 13.12
CA ASN B 229 5.96 -5.14 13.04
C ASN B 229 5.40 -6.53 12.77
N GLU B 230 4.35 -6.92 13.50
CA GLU B 230 3.77 -8.24 13.31
CA GLU B 230 3.79 -8.24 13.30
C GLU B 230 3.20 -8.39 11.90
N ILE B 231 2.47 -7.38 11.43
CA ILE B 231 1.84 -7.49 10.10
C ILE B 231 2.88 -7.42 9.00
N TYR B 232 3.75 -6.40 9.02
CA TYR B 232 4.72 -6.21 7.94
C TYR B 232 5.69 -7.38 7.84
N PHE B 233 6.37 -7.68 8.94
CA PHE B 233 7.51 -8.60 8.91
C PHE B 233 7.15 -10.01 9.36
N GLY B 234 5.92 -10.22 9.82
CA GLY B 234 5.44 -11.54 10.16
C GLY B 234 4.40 -12.02 9.16
N LYS B 235 3.23 -11.37 9.15
CA LYS B 235 2.11 -11.87 8.36
C LYS B 235 2.41 -11.87 6.86
N THR B 236 2.90 -10.75 6.30
CA THR B 236 3.12 -10.76 4.85
C THR B 236 4.26 -11.69 4.46
N LYS B 237 5.26 -11.84 5.33
CA LYS B 237 6.33 -12.80 5.08
C LYS B 237 5.78 -14.23 5.01
N ASP B 238 4.93 -14.60 5.96
CA ASP B 238 4.36 -15.95 5.94
C ASP B 238 3.47 -16.15 4.71
N ILE B 239 2.73 -15.12 4.29
CA ILE B 239 1.93 -15.24 3.07
C ILE B 239 2.83 -15.46 1.86
N VAL B 240 3.90 -14.67 1.76
CA VAL B 240 4.82 -14.82 0.64
C VAL B 240 5.29 -16.26 0.55
N ASN B 241 5.73 -16.82 1.67
CA ASN B 241 6.24 -18.18 1.64
C ASN B 241 5.13 -19.20 1.41
N GLY B 242 3.89 -18.86 1.73
CA GLY B 242 2.81 -19.76 1.36
C GLY B 242 2.49 -19.76 -0.11
N LEU B 243 2.99 -18.78 -0.86
CA LEU B 243 2.71 -18.72 -2.29
C LEU B 243 3.58 -19.67 -3.10
N ARG B 244 4.69 -20.13 -2.52
CA ARG B 244 5.63 -20.95 -3.27
C ARG B 244 6.23 -21.96 -2.30
N ALA C 9 -6.91 -0.27 23.89
CA ALA C 9 -6.74 0.01 22.47
C ALA C 9 -7.70 -0.80 21.63
N HIS C 10 -8.26 -0.20 20.58
CA HIS C 10 -9.23 -0.87 19.73
C HIS C 10 -9.36 -0.14 18.41
N LYS C 11 -10.06 -0.80 17.47
CA LYS C 11 -10.39 -0.21 16.19
C LYS C 11 -11.23 1.05 16.36
N GLN C 12 -11.26 1.89 15.32
CA GLN C 12 -12.11 3.07 15.31
C GLN C 12 -13.52 2.74 15.77
N SER C 13 -14.00 3.48 16.78
CA SER C 13 -15.31 3.26 17.37
C SER C 13 -16.06 4.54 17.74
N PHE C 14 -15.37 5.66 17.99
CA PHE C 14 -16.03 6.91 18.34
C PHE C 14 -15.52 8.04 17.43
N ALA C 15 -16.22 9.16 17.49
CA ALA C 15 -15.94 10.30 16.62
C ALA C 15 -14.72 11.07 17.10
N LYS C 16 -13.94 11.58 16.15
CA LYS C 16 -12.91 12.56 16.45
C LYS C 16 -13.57 13.86 16.91
N PRO C 17 -12.88 14.66 17.72
CA PRO C 17 -13.44 15.95 18.10
C PRO C 17 -13.50 16.88 16.90
N LYS C 18 -14.37 17.89 17.01
CA LYS C 18 -14.39 18.97 16.03
C LYS C 18 -13.04 19.68 16.03
N GLY C 19 -12.70 20.25 14.89
CA GLY C 19 -11.49 21.05 14.74
C GLY C 19 -11.64 22.43 15.32
N PRO C 20 -10.63 23.29 15.12
CA PRO C 20 -10.70 24.65 15.68
C PRO C 20 -11.90 25.41 15.16
N ALA C 21 -12.60 26.09 16.06
CA ALA C 21 -13.78 26.85 15.68
C ALA C 21 -13.37 28.09 14.89
N GLY C 22 -14.31 28.58 14.08
CA GLY C 22 -14.07 29.82 13.36
C GLY C 22 -12.94 29.71 12.36
N LYS C 23 -12.71 28.51 11.83
CA LYS C 23 -11.75 28.34 10.75
C LYS C 23 -12.41 28.68 9.42
N ARG C 24 -11.64 29.28 8.53
CA ARG C 24 -12.16 29.66 7.22
C ARG C 24 -11.60 28.71 6.17
N GLY C 25 -12.48 28.22 5.31
CA GLY C 25 -12.05 27.49 4.14
C GLY C 25 -12.41 26.01 4.23
N ILE C 26 -12.41 25.38 3.06
CA ILE C 26 -12.72 23.96 2.93
C ILE C 26 -11.45 23.15 3.07
N ARG C 27 -11.61 21.88 3.45
CA ARG C 27 -10.50 20.95 3.48
C ARG C 27 -9.93 20.76 2.08
N ARG C 28 -8.62 20.50 2.01
CA ARG C 28 -7.99 20.27 0.72
C ARG C 28 -6.69 19.49 0.94
N LEU C 29 -6.24 18.82 -0.12
CA LEU C 29 -4.98 18.13 -0.09
C LEU C 29 -3.84 19.13 -0.23
N ILE C 30 -2.71 18.82 0.43
CA ILE C 30 -1.51 19.63 0.32
C ILE C 30 -0.57 18.98 -0.68
N ARG C 31 0.02 19.80 -1.55
CA ARG C 31 0.91 19.31 -2.60
C ARG C 31 2.36 19.69 -2.30
#